data_4GRK
#
_entry.id   4GRK
#
_cell.length_a   62.615
_cell.length_b   49.953
_cell.length_c   65.504
_cell.angle_alpha   90.00
_cell.angle_beta   107.22
_cell.angle_gamma   90.00
#
_symmetry.space_group_name_H-M   'P 1 21 1'
#
loop_
_entity.id
_entity.type
_entity.pdbx_description
1 polymer Lactotransferrin
2 polymer 'C-terminal peptide from Lactotransferrin'
3 branched beta-D-mannopyranose-(1-4)-2-acetamido-2-deoxy-beta-D-glucopyranose-(1-4)-2-acetamido-2-deoxy-beta-D-glucopyranose
4 branched 2-acetamido-2-deoxy-beta-D-glucopyranose-(1-4)-2-acetamido-2-deoxy-beta-D-glucopyranose
5 non-polymer 2-acetamido-2-deoxy-beta-D-glucopyranose
6 non-polymer 'ZINC ION'
7 non-polymer 'FE (III) ION'
8 non-polymer 'CARBONATE ION'
9 non-polymer 'SULFATE ION'
10 non-polymer GLYCEROL
11 non-polymer '(1R)-5-benzoyl-2,3-dihydro-1H-pyrrolizine-1-carboxylic acid'
12 water water
#
loop_
_entity_poly.entity_id
_entity_poly.type
_entity_poly.pdbx_seq_one_letter_code
_entity_poly.pdbx_strand_id
1 'polypeptide(L)'
;YTRVVWCAVGPEEQKKCQQWSQQSGQNVTCATASTTDDCIVLVLKGEADALNLDGGYIYTAGKCGLVPVLAENRKSSKHS
SLDCVLRPTEGYLAVAVVKKANEGLTWNSLKDKKSCHTAVDRTAGWNIPMGLIVNQTGSCAFDEFFSQSCAPGADPKSRL
CALCAGDDQGLDKCVPNSKEKYYGYTGAFRCLAEDVGDVAFVKNDTVWENTNGESTADWAKNLKREDFRLLCLDGTRKPV
TEAQSCHLAVAPNHAVVSRSDRAAHVEQVLLHQQALFGKNGKNCPDKFCLFKSETKNLLFNDNTECLAKLGGRPTYEEYL
GTEYVTAIANLKKCS
;
A
2 'polypeptide(L)' LEACAF B
#
# COMPACT_ATOMS: atom_id res chain seq x y z
N TYR A 1 -8.53 -23.22 19.29
CA TYR A 1 -7.41 -24.07 18.78
C TYR A 1 -7.33 -24.05 17.22
N THR A 2 -6.58 -23.07 16.65
CA THR A 2 -6.11 -21.90 17.39
C THR A 2 -6.77 -20.63 16.77
N ARG A 3 -6.90 -19.59 17.57
CA ARG A 3 -7.19 -18.26 17.12
C ARG A 3 -5.98 -17.67 16.38
N VAL A 4 -6.37 -16.78 15.42
CA VAL A 4 -5.29 -16.06 14.69
C VAL A 4 -5.31 -14.60 15.19
N VAL A 5 -4.10 -14.12 15.48
CA VAL A 5 -3.92 -12.81 16.06
C VAL A 5 -3.46 -11.96 14.88
N TRP A 6 -4.30 -11.00 14.53
CA TRP A 6 -3.97 -10.09 13.39
C TRP A 6 -3.25 -8.90 13.95
N CYS A 7 -2.36 -8.23 13.17
CA CYS A 7 -1.72 -7.02 13.72
C CYS A 7 -2.31 -5.85 12.91
N ALA A 8 -2.88 -4.94 13.69
CA ALA A 8 -3.45 -3.70 13.12
C ALA A 8 -2.47 -2.55 13.31
N VAL A 9 -2.35 -1.74 12.27
CA VAL A 9 -1.36 -0.63 12.28
C VAL A 9 -2.16 0.66 12.55
N GLY A 10 -1.97 1.17 13.75
CA GLY A 10 -2.70 2.42 14.18
C GLY A 10 -4.12 2.17 14.62
N PRO A 11 -4.73 3.21 15.24
CA PRO A 11 -6.03 3.03 15.90
C PRO A 11 -7.27 2.83 15.04
N GLU A 12 -7.20 3.25 13.75
CA GLU A 12 -8.36 3.09 12.90
C GLU A 12 -8.38 1.59 12.46
N GLU A 13 -7.18 1.05 12.14
CA GLU A 13 -7.12 -0.33 11.84
C GLU A 13 -7.53 -1.15 13.09
N GLN A 14 -7.13 -0.71 14.29
CA GLN A 14 -7.37 -1.50 15.53
C GLN A 14 -8.93 -1.54 15.67
N LYS A 15 -9.60 -0.42 15.42
CA LYS A 15 -11.04 -0.45 15.56
C LYS A 15 -11.67 -1.41 14.61
N LYS A 16 -11.26 -1.44 13.34
CA LYS A 16 -11.82 -2.40 12.36
C LYS A 16 -11.51 -3.80 12.77
N CYS A 17 -10.27 -3.99 13.23
CA CYS A 17 -9.91 -5.33 13.66
C CYS A 17 -10.81 -5.79 14.83
N GLN A 18 -11.07 -4.89 15.78
CA GLN A 18 -11.92 -5.24 16.91
C GLN A 18 -13.36 -5.65 16.45
N GLN A 19 -13.89 -4.96 15.45
CA GLN A 19 -15.22 -5.38 14.87
C GLN A 19 -15.12 -6.74 14.21
N TRP A 20 -14.01 -6.98 13.48
CA TRP A 20 -13.82 -8.29 12.87
C TRP A 20 -13.75 -9.35 13.96
N SER A 21 -12.99 -9.08 15.01
CA SER A 21 -12.79 -10.07 16.13
C SER A 21 -14.14 -10.45 16.75
N GLN A 22 -14.94 -9.41 17.09
CA GLN A 22 -16.32 -9.61 17.63
C GLN A 22 -17.14 -10.47 16.68
N GLN A 23 -17.16 -10.17 15.39
CA GLN A 23 -17.98 -10.92 14.43
C GLN A 23 -17.52 -12.33 14.13
N SER A 24 -16.23 -12.58 14.30
CA SER A 24 -15.68 -13.86 14.00
C SER A 24 -15.79 -14.76 15.25
N GLY A 25 -16.38 -14.26 16.32
CA GLY A 25 -16.48 -14.99 17.62
C GLY A 25 -15.11 -15.32 18.18
N GLN A 26 -14.19 -14.33 18.06
CA GLN A 26 -12.77 -14.44 18.49
C GLN A 26 -12.01 -15.51 17.82
N ASN A 27 -12.48 -16.00 16.68
CA ASN A 27 -11.56 -16.81 15.85
C ASN A 27 -10.33 -15.99 15.39
N VAL A 28 -10.59 -14.69 15.21
CA VAL A 28 -9.49 -13.70 15.00
C VAL A 28 -9.51 -12.71 16.16
N THR A 29 -8.33 -12.38 16.69
CA THR A 29 -8.16 -11.35 17.71
C THR A 29 -7.08 -10.39 17.25
N CYS A 30 -6.82 -9.35 18.03
CA CYS A 30 -6.10 -8.18 17.47
C CYS A 30 -4.92 -7.81 18.36
N ALA A 31 -3.81 -7.59 17.78
CA ALA A 31 -2.74 -6.82 18.43
C ALA A 31 -2.62 -5.56 17.64
N THR A 32 -2.04 -4.51 18.23
CA THR A 32 -1.99 -3.24 17.48
C THR A 32 -0.61 -2.68 17.71
N ALA A 33 -0.05 -2.03 16.66
CA ALA A 33 1.21 -1.32 16.83
C ALA A 33 1.08 0.00 16.03
N SER A 34 2.06 0.90 16.21
CA SER A 34 1.91 2.22 15.59
C SER A 34 2.35 2.23 14.13
N THR A 35 3.18 1.26 13.71
CA THR A 35 3.76 1.29 12.37
C THR A 35 3.76 -0.16 11.86
N THR A 36 3.94 -0.23 10.55
CA THR A 36 3.99 -1.59 9.99
C THR A 36 5.28 -2.30 10.40
N ASP A 37 6.40 -1.60 10.48
CA ASP A 37 7.54 -2.32 11.00
C ASP A 37 7.31 -2.85 12.41
N ASP A 38 6.69 -2.02 13.30
CA ASP A 38 6.47 -2.57 14.64
C ASP A 38 5.52 -3.81 14.56
N CYS A 39 4.51 -3.85 13.71
CA CYS A 39 3.74 -5.09 13.53
C CYS A 39 4.59 -6.24 13.09
N ILE A 40 5.47 -6.01 12.16
CA ILE A 40 6.38 -7.10 11.68
C ILE A 40 7.16 -7.67 12.91
N VAL A 41 7.64 -6.76 13.77
CA VAL A 41 8.34 -7.22 15.03
C VAL A 41 7.47 -7.97 15.95
N LEU A 42 6.15 -7.56 16.11
CA LEU A 42 5.26 -8.35 16.92
C LEU A 42 5.11 -9.75 16.34
N VAL A 43 5.05 -9.83 15.02
CA VAL A 43 4.91 -11.19 14.47
C VAL A 43 6.18 -12.03 14.68
N LEU A 44 7.32 -11.39 14.52
CA LEU A 44 8.64 -12.11 14.71
C LEU A 44 8.71 -12.57 16.12
N LYS A 45 8.18 -11.83 17.10
CA LYS A 45 8.18 -12.29 18.51
C LYS A 45 7.19 -13.35 18.81
N GLY A 46 6.21 -13.49 17.96
CA GLY A 46 5.14 -14.40 18.22
C GLY A 46 3.99 -13.80 18.98
N GLU A 47 3.98 -12.49 19.06
CA GLU A 47 2.92 -11.77 19.72
C GLU A 47 1.74 -11.42 18.82
N ALA A 48 1.94 -11.62 17.54
CA ALA A 48 0.90 -11.56 16.54
C ALA A 48 1.18 -12.64 15.50
N ASP A 49 0.17 -13.02 14.74
CA ASP A 49 0.35 -14.06 13.70
C ASP A 49 0.55 -13.52 12.31
N ALA A 50 -0.14 -12.42 11.95
CA ALA A 50 -0.15 -12.06 10.53
C ALA A 50 -0.71 -10.68 10.31
N LEU A 51 -0.40 -10.17 9.12
CA LEU A 51 -1.04 -8.91 8.65
C LEU A 51 -0.83 -8.87 7.15
N ASN A 52 -1.56 -8.00 6.48
CA ASN A 52 -1.49 -7.79 5.03
C ASN A 52 -0.56 -6.64 4.73
N LEU A 53 0.34 -6.83 3.79
CA LEU A 53 1.45 -5.95 3.59
C LEU A 53 1.67 -5.48 2.13
N ASP A 54 1.98 -4.20 1.93
CA ASP A 54 2.56 -3.81 0.62
C ASP A 54 3.91 -4.57 0.34
N GLY A 55 4.23 -4.70 -0.94
CA GLY A 55 5.41 -5.46 -1.38
C GLY A 55 6.69 -4.97 -0.74
N GLY A 56 6.87 -3.62 -0.56
CA GLY A 56 8.06 -3.11 0.10
C GLY A 56 8.19 -3.65 1.52
N TYR A 57 7.07 -3.72 2.19
CA TYR A 57 7.06 -4.27 3.58
C TYR A 57 7.25 -5.76 3.53
N ILE A 58 6.75 -6.44 2.47
CA ILE A 58 6.99 -7.92 2.36
C ILE A 58 8.46 -8.15 2.27
N TYR A 59 9.20 -7.27 1.56
CA TYR A 59 10.65 -7.40 1.52
C TYR A 59 11.25 -7.34 2.96
N THR A 60 10.90 -6.33 3.76
CA THR A 60 11.43 -6.23 5.13
C THR A 60 11.04 -7.51 5.89
N ALA A 61 9.79 -7.91 5.78
CA ALA A 61 9.29 -9.06 6.57
C ALA A 61 9.98 -10.35 6.11
N GLY A 62 10.26 -10.42 4.82
CA GLY A 62 10.76 -11.69 4.27
C GLY A 62 12.24 -11.82 4.60
N LYS A 63 12.98 -10.70 4.62
CA LYS A 63 14.39 -10.74 5.09
C LYS A 63 14.47 -11.26 6.53
N CYS A 64 13.36 -11.16 7.27
CA CYS A 64 13.29 -11.59 8.68
C CYS A 64 12.69 -12.89 8.91
N GLY A 65 12.37 -13.58 7.80
CA GLY A 65 11.90 -14.98 7.81
C GLY A 65 10.41 -15.14 7.65
N LEU A 66 9.64 -14.03 7.60
CA LEU A 66 8.16 -14.23 7.45
C LEU A 66 7.90 -14.61 5.92
N VAL A 67 6.77 -15.29 5.69
CA VAL A 67 6.43 -15.87 4.40
C VAL A 67 5.08 -15.35 3.91
N PRO A 68 4.96 -15.22 2.56
CA PRO A 68 3.59 -14.86 2.01
C PRO A 68 2.62 -16.00 2.13
N VAL A 69 1.36 -15.71 2.42
CA VAL A 69 0.35 -16.74 2.69
C VAL A 69 -0.78 -16.68 1.64
N LEU A 70 -1.41 -15.50 1.43
CA LEU A 70 -2.48 -15.33 0.46
C LEU A 70 -2.27 -13.89 -0.10
N ALA A 71 -2.65 -13.65 -1.35
CA ALA A 71 -2.51 -12.30 -1.94
C ALA A 71 -3.82 -11.61 -2.13
N GLU A 72 -3.89 -10.27 -2.01
CA GLU A 72 -5.08 -9.60 -2.53
C GLU A 72 -5.26 -9.83 -4.00
N ASN A 73 -6.49 -10.00 -4.41
CA ASN A 73 -6.83 -10.11 -5.80
C ASN A 73 -7.96 -9.15 -6.04
N ARG A 74 -7.79 -8.21 -6.93
CA ARG A 74 -8.88 -7.29 -7.18
C ARG A 74 -9.62 -7.72 -8.43
N LYS A 75 -10.67 -7.02 -8.77
CA LYS A 75 -11.46 -7.35 -9.99
C LYS A 75 -10.56 -7.52 -11.24
N SER A 76 -10.80 -8.60 -12.01
CA SER A 76 -9.96 -8.85 -13.18
C SER A 76 -10.62 -8.40 -14.49
N SER A 77 -10.23 -9.06 -15.58
CA SER A 77 -10.86 -8.94 -16.90
C SER A 77 -10.76 -10.33 -17.54
N LYS A 78 -9.53 -10.74 -17.87
CA LYS A 78 -9.21 -12.13 -18.28
C LYS A 78 -9.18 -13.13 -17.08
N HIS A 79 -9.03 -14.45 -17.39
CA HIS A 79 -9.19 -15.59 -16.40
C HIS A 79 -10.60 -15.74 -15.82
N SER A 80 -11.60 -15.27 -16.57
CA SER A 80 -12.94 -14.96 -16.04
C SER A 80 -13.69 -16.10 -15.34
N SER A 81 -13.54 -17.31 -15.86
CA SER A 81 -14.28 -18.46 -15.32
C SER A 81 -13.77 -18.92 -13.94
N LEU A 82 -12.42 -18.90 -13.77
CA LEU A 82 -11.73 -19.15 -12.49
C LEU A 82 -12.32 -18.37 -11.28
N ASP A 83 -12.52 -19.10 -10.18
CA ASP A 83 -12.97 -18.49 -8.93
C ASP A 83 -11.84 -17.52 -8.48
N CYS A 84 -12.23 -16.36 -7.92
CA CYS A 84 -11.28 -15.36 -7.38
C CYS A 84 -10.14 -16.01 -6.54
N VAL A 85 -10.45 -17.00 -5.71
CA VAL A 85 -9.41 -17.58 -4.82
C VAL A 85 -8.33 -18.32 -5.58
N LEU A 86 -8.70 -18.82 -6.78
CA LEU A 86 -7.77 -19.58 -7.60
C LEU A 86 -7.16 -18.82 -8.77
N ARG A 87 -7.57 -17.57 -8.97
CA ARG A 87 -7.06 -16.83 -10.09
C ARG A 87 -5.66 -16.24 -9.79
N PRO A 88 -4.73 -16.34 -10.76
CA PRO A 88 -3.38 -15.75 -10.50
C PRO A 88 -3.53 -14.21 -10.33
N THR A 89 -2.72 -13.60 -9.47
CA THR A 89 -2.74 -12.13 -9.29
C THR A 89 -2.15 -11.46 -10.53
N GLU A 90 -2.58 -10.22 -10.81
CA GLU A 90 -2.08 -9.46 -11.96
C GLU A 90 -1.13 -8.24 -11.62
N GLY A 91 -0.86 -7.97 -10.39
CA GLY A 91 0.01 -6.77 -10.13
C GLY A 91 -0.85 -5.55 -10.27
N TYR A 92 -0.37 -4.42 -9.75
CA TYR A 92 -1.06 -3.12 -9.97
C TYR A 92 -0.04 -2.19 -10.58
N LEU A 93 -0.53 -1.07 -11.17
CA LEU A 93 0.41 -0.20 -11.91
C LEU A 93 0.82 0.97 -10.94
N ALA A 94 2.07 1.07 -10.62
CA ALA A 94 2.55 2.25 -9.92
C ALA A 94 2.62 3.44 -10.92
N VAL A 95 2.11 4.60 -10.49
CA VAL A 95 2.11 5.73 -11.41
C VAL A 95 2.56 7.01 -10.68
N ALA A 96 2.89 8.07 -11.41
CA ALA A 96 3.19 9.43 -10.85
C ALA A 96 2.04 10.30 -11.41
N VAL A 97 1.30 10.97 -10.54
CA VAL A 97 0.12 11.69 -10.92
C VAL A 97 0.35 13.16 -10.55
N VAL A 98 -0.10 14.00 -11.48
CA VAL A 98 0.03 15.48 -11.26
C VAL A 98 -1.30 16.12 -11.67
N LYS A 99 -1.42 17.44 -11.38
CA LYS A 99 -2.61 18.11 -11.92
C LYS A 99 -2.33 18.61 -13.37
N LYS A 100 -3.37 18.44 -14.17
CA LYS A 100 -3.32 18.81 -15.62
C LYS A 100 -3.00 20.32 -15.69
N ALA A 101 -3.53 21.08 -14.73
CA ALA A 101 -3.33 22.55 -14.68
C ALA A 101 -1.85 22.94 -14.39
N ASN A 102 -1.02 21.95 -13.94
CA ASN A 102 0.38 22.24 -13.61
C ASN A 102 1.12 21.88 -14.87
N GLU A 103 1.03 22.80 -15.84
CA GLU A 103 1.41 22.43 -17.18
C GLU A 103 2.89 22.32 -17.35
N GLY A 104 3.34 21.49 -18.25
CA GLY A 104 4.86 21.47 -18.26
C GLY A 104 5.65 20.81 -17.06
N LEU A 105 4.99 20.46 -15.94
CA LEU A 105 5.61 19.44 -15.07
C LEU A 105 5.67 18.07 -15.78
N THR A 106 6.86 17.48 -15.91
CA THR A 106 7.01 16.12 -16.43
C THR A 106 7.91 15.34 -15.51
N TRP A 107 8.07 14.05 -15.82
CA TRP A 107 9.07 13.25 -15.14
C TRP A 107 10.43 13.91 -15.07
N ASN A 108 10.83 14.60 -16.15
CA ASN A 108 12.15 15.19 -16.23
C ASN A 108 12.23 16.57 -15.64
N SER A 109 11.14 17.11 -15.09
CA SER A 109 11.30 18.33 -14.32
C SER A 109 10.86 18.22 -12.88
N LEU A 110 10.85 16.99 -12.34
CA LEU A 110 10.48 16.77 -10.89
C LEU A 110 11.41 17.38 -9.86
N LYS A 111 12.69 17.57 -10.21
CA LYS A 111 13.64 18.11 -9.23
C LYS A 111 13.15 19.42 -8.67
N ASP A 112 13.30 19.56 -7.34
CA ASP A 112 12.79 20.69 -6.58
C ASP A 112 11.30 20.95 -6.49
N LYS A 113 10.49 20.01 -6.95
CA LYS A 113 9.07 20.12 -6.75
C LYS A 113 8.65 19.46 -5.41
N LYS A 114 7.35 19.48 -5.11
CA LYS A 114 6.81 18.99 -3.81
C LYS A 114 6.16 17.65 -4.12
N SER A 115 6.50 16.63 -3.30
CA SER A 115 6.01 15.27 -3.63
C SER A 115 5.19 14.66 -2.53
N CYS A 116 4.25 13.78 -2.85
CA CYS A 116 3.43 13.12 -1.85
C CYS A 116 3.64 11.59 -2.07
N HIS A 117 4.00 10.90 -1.02
CA HIS A 117 4.29 9.43 -1.07
C HIS A 117 3.44 8.69 -0.14
N THR A 118 3.09 7.44 -0.48
CA THR A 118 2.25 6.67 0.43
C THR A 118 2.95 6.50 1.80
N ALA A 119 4.22 6.02 1.79
CA ALA A 119 5.08 6.05 2.97
C ALA A 119 6.44 5.62 2.52
N VAL A 120 7.45 5.88 3.30
CA VAL A 120 8.81 5.27 3.01
C VAL A 120 8.63 3.75 3.03
N ASP A 121 9.43 3.17 2.16
CA ASP A 121 9.56 1.74 2.05
C ASP A 121 8.37 1.04 1.32
N ARG A 122 7.35 1.73 0.87
CA ARG A 122 6.24 1.07 0.11
C ARG A 122 6.54 1.11 -1.41
N THR A 123 5.94 0.16 -2.16
CA THR A 123 6.29 -0.01 -3.57
C THR A 123 6.09 1.21 -4.47
N ALA A 124 4.82 1.56 -4.67
CA ALA A 124 4.53 2.65 -5.60
C ALA A 124 4.87 3.99 -4.97
N GLY A 125 4.77 4.06 -3.68
CA GLY A 125 4.93 5.38 -3.01
C GLY A 125 6.39 5.75 -2.88
N TRP A 126 7.25 4.71 -2.91
CA TRP A 126 8.64 4.97 -2.53
C TRP A 126 9.68 4.14 -3.30
N ASN A 127 9.64 2.82 -3.23
CA ASN A 127 10.76 2.04 -3.72
C ASN A 127 10.88 2.25 -5.25
N ILE A 128 9.77 2.26 -5.96
CA ILE A 128 9.85 2.40 -7.42
C ILE A 128 10.28 3.87 -7.82
N PRO A 129 9.57 4.91 -7.35
CA PRO A 129 10.01 6.25 -7.86
C PRO A 129 11.35 6.66 -7.32
N MET A 130 11.64 6.35 -6.05
CA MET A 130 12.94 6.79 -5.49
C MET A 130 14.07 5.92 -6.08
N GLY A 131 13.79 4.65 -6.31
CA GLY A 131 14.79 3.77 -6.98
C GLY A 131 15.11 4.31 -8.37
N LEU A 132 14.09 4.68 -9.13
CA LEU A 132 14.26 5.31 -10.49
C LEU A 132 14.99 6.64 -10.38
N ILE A 133 14.65 7.47 -9.39
CA ILE A 133 15.29 8.77 -9.28
C ILE A 133 16.75 8.68 -8.87
N VAL A 134 17.07 7.83 -7.88
CA VAL A 134 18.53 7.60 -7.52
C VAL A 134 19.29 7.15 -8.78
N ASN A 135 18.72 6.20 -9.51
CA ASN A 135 19.39 5.67 -10.67
C ASN A 135 19.61 6.74 -11.71
N GLN A 136 18.54 7.49 -12.00
CA GLN A 136 18.64 8.56 -13.02
C GLN A 136 19.54 9.72 -12.65
N THR A 137 19.62 10.06 -11.38
CA THR A 137 20.42 11.22 -10.97
C THR A 137 21.87 10.73 -10.70
N GLY A 138 22.10 9.41 -10.61
CA GLY A 138 23.42 8.91 -10.12
C GLY A 138 23.80 9.40 -8.73
N SER A 139 22.83 9.53 -7.83
CA SER A 139 23.07 10.07 -6.50
C SER A 139 22.15 9.40 -5.50
N CYS A 140 22.70 9.03 -4.34
CA CYS A 140 21.87 8.53 -3.19
C CYS A 140 21.20 9.61 -2.38
N ALA A 141 21.44 10.89 -2.67
CA ALA A 141 20.83 11.95 -1.85
C ALA A 141 19.34 12.18 -2.27
N PHE A 142 18.55 11.11 -2.32
CA PHE A 142 17.10 11.29 -2.66
C PHE A 142 16.31 12.12 -1.63
N ASP A 143 16.94 12.45 -0.51
CA ASP A 143 16.29 13.22 0.50
C ASP A 143 16.47 14.68 0.25
N GLU A 144 17.23 14.98 -0.80
CA GLU A 144 17.46 16.33 -1.30
C GLU A 144 16.93 16.60 -2.69
N PHE A 145 16.18 15.66 -3.27
CA PHE A 145 15.66 15.79 -4.61
C PHE A 145 14.44 16.66 -4.72
N PHE A 146 13.41 16.37 -3.92
CA PHE A 146 12.19 17.19 -3.90
C PHE A 146 12.45 18.32 -2.90
N SER A 147 11.88 19.50 -3.14
CA SER A 147 12.10 20.61 -2.18
C SER A 147 11.43 20.30 -0.82
N GLN A 148 10.22 19.70 -0.84
CA GLN A 148 9.50 19.29 0.38
C GLN A 148 8.69 18.07 0.00
N SER A 149 8.44 17.19 0.95
CA SER A 149 7.54 16.09 0.64
C SER A 149 6.68 15.69 1.85
N CYS A 150 5.66 14.87 1.61
CA CYS A 150 5.14 14.08 2.68
C CYS A 150 5.47 12.64 2.39
N ALA A 151 6.37 12.06 3.24
CA ALA A 151 6.84 10.61 2.96
C ALA A 151 6.72 10.01 4.40
N PRO A 152 5.55 9.56 4.79
CA PRO A 152 5.34 9.04 6.18
C PRO A 152 6.39 7.99 6.55
N GLY A 153 6.93 8.10 7.76
CA GLY A 153 8.00 7.20 8.24
C GLY A 153 9.37 7.83 8.11
N ALA A 154 9.50 9.01 7.45
CA ALA A 154 10.82 9.70 7.39
C ALA A 154 10.99 10.57 8.68
N ASP A 155 12.18 11.20 8.86
CA ASP A 155 12.36 12.04 10.13
C ASP A 155 11.39 13.21 10.09
N PRO A 156 10.60 13.38 11.15
CA PRO A 156 9.52 14.39 11.07
C PRO A 156 10.04 15.81 10.99
N LYS A 157 11.31 16.03 11.35
CA LYS A 157 11.79 17.39 11.15
C LYS A 157 12.41 17.66 9.80
N SER A 158 12.43 16.64 8.94
CA SER A 158 13.20 16.71 7.68
C SER A 158 12.25 17.13 6.58
N ARG A 159 12.87 17.53 5.47
CA ARG A 159 11.99 18.06 4.42
C ARG A 159 11.17 16.94 3.82
N LEU A 160 11.60 15.70 4.01
CA LEU A 160 10.67 14.62 3.54
C LEU A 160 9.40 14.47 4.29
N CYS A 161 9.24 15.16 5.47
CA CYS A 161 7.96 15.22 6.23
C CYS A 161 7.31 16.55 6.27
N ALA A 162 7.88 17.52 5.50
CA ALA A 162 7.42 18.94 5.69
C ALA A 162 6.03 19.14 5.28
N LEU A 163 5.53 18.37 4.32
CA LEU A 163 4.14 18.52 3.84
C LEU A 163 3.11 17.66 4.58
N CYS A 164 3.53 16.72 5.44
CA CYS A 164 2.61 15.86 6.16
C CYS A 164 1.87 16.71 7.20
N ALA A 165 0.67 16.28 7.46
CA ALA A 165 -0.31 17.13 8.24
C ALA A 165 -0.64 16.54 9.61
N GLY A 166 -0.20 15.31 9.92
CA GLY A 166 -0.66 14.67 11.18
C GLY A 166 -2.19 14.48 11.24
N ASP A 167 -2.69 14.29 12.49
CA ASP A 167 -4.08 13.95 12.72
C ASP A 167 -5.00 15.17 12.94
N ASP A 168 -6.26 14.95 13.30
CA ASP A 168 -7.19 16.09 13.26
C ASP A 168 -6.84 17.09 14.33
N GLN A 169 -5.97 16.71 15.27
CA GLN A 169 -5.41 17.68 16.23
C GLN A 169 -4.13 18.25 15.77
N GLY A 170 -3.61 17.75 14.65
CA GLY A 170 -2.31 18.17 14.18
C GLY A 170 -1.13 17.51 14.83
N LEU A 171 -1.32 16.37 15.53
CA LEU A 171 -0.35 15.54 16.23
C LEU A 171 0.03 14.38 15.28
N ASP A 172 1.12 13.68 15.58
CA ASP A 172 1.52 12.51 14.80
C ASP A 172 1.88 12.81 13.34
N LYS A 173 2.41 14.00 13.12
CA LYS A 173 2.84 14.37 11.80
C LYS A 173 3.80 13.34 11.23
N CYS A 174 3.54 12.87 10.00
CA CYS A 174 4.43 11.97 9.37
C CYS A 174 4.47 10.57 9.91
N VAL A 175 3.61 10.22 10.84
CA VAL A 175 3.67 8.81 11.31
C VAL A 175 3.12 7.96 10.15
N PRO A 176 3.69 6.73 10.03
CA PRO A 176 3.27 5.93 8.87
C PRO A 176 2.10 5.07 9.26
N ASN A 177 0.99 5.72 9.53
CA ASN A 177 -0.27 5.02 9.70
C ASN A 177 -1.45 5.98 9.38
N SER A 178 -2.67 5.45 9.35
CA SER A 178 -3.77 6.18 8.70
C SER A 178 -4.18 7.41 9.48
N LYS A 179 -3.63 7.56 10.70
CA LYS A 179 -3.93 8.83 11.47
C LYS A 179 -3.24 10.04 10.81
N GLU A 180 -2.17 9.84 10.04
CA GLU A 180 -1.55 10.95 9.23
C GLU A 180 -2.43 11.22 8.04
N LYS A 181 -2.90 12.46 7.90
CA LYS A 181 -3.87 12.84 6.86
C LYS A 181 -3.41 12.43 5.46
N TYR A 182 -2.13 12.46 5.19
CA TYR A 182 -1.63 12.18 3.83
C TYR A 182 -0.97 10.80 3.74
N TYR A 183 -1.36 9.90 4.65
CA TYR A 183 -0.79 8.53 4.58
C TYR A 183 -1.44 7.68 3.54
N GLY A 184 -0.60 6.81 2.95
CA GLY A 184 -1.20 5.69 2.15
C GLY A 184 -1.59 6.16 0.75
N TYR A 185 -2.21 5.19 0.02
CA TYR A 185 -2.62 5.62 -1.30
C TYR A 185 -3.60 6.81 -1.29
N THR A 186 -4.63 6.70 -0.44
CA THR A 186 -5.66 7.79 -0.53
C THR A 186 -5.10 9.11 0.10
N GLY A 187 -4.24 9.00 1.14
CA GLY A 187 -3.59 10.21 1.70
C GLY A 187 -2.66 10.91 0.72
N ALA A 188 -1.81 10.12 -0.01
CA ALA A 188 -0.95 10.72 -0.92
C ALA A 188 -1.72 11.39 -2.09
N PHE A 189 -2.78 10.76 -2.57
CA PHE A 189 -3.57 11.32 -3.63
C PHE A 189 -4.25 12.59 -3.12
N ARG A 190 -4.65 12.58 -1.86
CA ARG A 190 -5.29 13.76 -1.29
C ARG A 190 -4.29 14.90 -1.18
N CYS A 191 -3.07 14.55 -0.90
CA CYS A 191 -2.02 15.53 -0.82
C CYS A 191 -1.84 16.22 -2.18
N LEU A 192 -1.99 15.47 -3.25
CA LEU A 192 -1.97 16.13 -4.58
C LEU A 192 -3.31 16.85 -4.84
N ALA A 193 -4.44 16.27 -4.47
CA ALA A 193 -5.77 16.85 -4.82
C ALA A 193 -5.82 18.25 -4.19
N GLU A 194 -5.30 18.37 -3.00
CA GLU A 194 -5.36 19.65 -2.27
C GLU A 194 -4.26 20.60 -2.69
N ASP A 195 -3.40 20.23 -3.64
CA ASP A 195 -2.22 21.02 -4.06
C ASP A 195 -1.24 21.30 -3.00
N VAL A 196 -1.17 20.37 -2.00
CA VAL A 196 -0.04 20.44 -1.07
C VAL A 196 1.22 20.00 -1.76
N GLY A 197 1.09 18.95 -2.61
CA GLY A 197 2.23 18.49 -3.43
C GLY A 197 2.00 18.77 -4.92
N ASP A 198 3.08 18.70 -5.68
CA ASP A 198 2.96 18.78 -7.17
C ASP A 198 2.73 17.40 -7.77
N VAL A 199 3.19 16.32 -7.09
CA VAL A 199 3.14 14.98 -7.75
C VAL A 199 2.79 13.99 -6.59
N ALA A 200 1.99 12.92 -6.93
CA ALA A 200 1.72 11.91 -5.93
C ALA A 200 2.19 10.57 -6.58
N PHE A 201 2.89 9.78 -5.72
CA PHE A 201 3.30 8.42 -6.19
C PHE A 201 2.34 7.46 -5.54
N VAL A 202 1.44 6.91 -6.39
CA VAL A 202 0.34 6.04 -5.95
C VAL A 202 0.17 5.00 -7.02
N LYS A 203 -0.98 4.34 -7.02
CA LYS A 203 -1.20 3.43 -8.17
C LYS A 203 -2.37 3.84 -8.99
N ASN A 204 -2.52 3.19 -10.14
CA ASN A 204 -3.57 3.62 -11.08
C ASN A 204 -4.92 3.57 -10.42
N ASP A 205 -5.20 2.54 -9.65
CA ASP A 205 -6.55 2.42 -9.10
C ASP A 205 -6.95 3.58 -8.19
N THR A 206 -5.93 4.09 -7.51
CA THR A 206 -6.23 5.22 -6.58
C THR A 206 -6.91 6.38 -7.30
N VAL A 207 -6.41 6.71 -8.46
CA VAL A 207 -6.91 7.92 -9.12
C VAL A 207 -8.38 7.66 -9.46
N TRP A 208 -8.63 6.49 -10.03
CA TRP A 208 -10.04 6.13 -10.36
C TRP A 208 -10.98 6.09 -9.26
N GLU A 209 -10.61 5.50 -8.10
CA GLU A 209 -11.49 5.27 -7.00
C GLU A 209 -11.77 6.52 -6.19
N ASN A 210 -11.08 7.63 -6.46
CA ASN A 210 -11.23 8.84 -5.66
C ASN A 210 -11.61 10.00 -6.57
N THR A 211 -12.19 9.66 -7.70
CA THR A 211 -12.60 10.77 -8.66
C THR A 211 -13.98 10.44 -9.25
N ASN A 212 -14.61 11.47 -9.83
CA ASN A 212 -15.87 11.25 -10.59
C ASN A 212 -16.94 10.60 -9.80
N GLY A 213 -17.02 11.00 -8.54
CA GLY A 213 -18.03 10.48 -7.60
C GLY A 213 -17.79 9.07 -7.08
N GLU A 214 -16.62 8.49 -7.40
CA GLU A 214 -16.34 7.09 -6.93
C GLU A 214 -16.10 7.19 -5.43
N SER A 215 -15.64 8.36 -4.97
CA SER A 215 -15.62 8.61 -3.55
C SER A 215 -16.53 9.76 -3.17
N THR A 216 -17.26 9.58 -2.06
CA THR A 216 -18.13 10.64 -1.52
C THR A 216 -17.48 11.45 -0.39
N ALA A 217 -16.25 11.11 -0.01
CA ALA A 217 -15.51 11.91 0.93
C ALA A 217 -15.37 13.37 0.56
N ASP A 218 -15.40 14.26 1.55
CA ASP A 218 -15.36 15.67 1.31
C ASP A 218 -14.30 16.16 0.37
N TRP A 219 -13.12 15.61 0.51
CA TRP A 219 -12.03 16.13 -0.25
C TRP A 219 -12.03 15.56 -1.62
N ALA A 220 -12.71 14.44 -1.80
CA ALA A 220 -12.64 13.72 -3.11
C ALA A 220 -13.91 13.92 -3.99
N LYS A 221 -14.99 14.27 -3.33
CA LYS A 221 -16.33 14.20 -3.95
C LYS A 221 -16.43 15.07 -5.17
N ASN A 222 -15.66 16.15 -5.22
CA ASN A 222 -15.65 17.03 -6.36
C ASN A 222 -14.52 16.87 -7.36
N LEU A 223 -13.65 15.86 -7.18
CA LEU A 223 -12.57 15.74 -8.11
C LEU A 223 -12.97 15.07 -9.43
N LYS A 224 -12.38 15.54 -10.53
CA LYS A 224 -12.66 14.98 -11.86
C LYS A 224 -11.42 14.47 -12.46
N ARG A 225 -11.47 13.25 -12.97
CA ARG A 225 -10.31 12.62 -13.57
C ARG A 225 -9.60 13.43 -14.60
N GLU A 226 -10.34 14.30 -15.33
CA GLU A 226 -9.74 14.91 -16.43
C GLU A 226 -8.80 16.06 -15.96
N ASP A 227 -8.85 16.32 -14.66
CA ASP A 227 -8.06 17.38 -14.07
C ASP A 227 -6.70 16.79 -13.66
N PHE A 228 -6.48 15.49 -13.92
CA PHE A 228 -5.18 14.90 -13.56
C PHE A 228 -4.50 14.31 -14.79
N ARG A 229 -3.17 14.17 -14.74
CA ARG A 229 -2.34 13.57 -15.77
C ARG A 229 -1.33 12.62 -15.08
N LEU A 230 -1.00 11.58 -15.81
CA LEU A 230 0.11 10.71 -15.42
C LEU A 230 1.40 11.15 -16.05
N LEU A 231 2.50 10.96 -15.33
CA LEU A 231 3.84 11.29 -15.85
C LEU A 231 4.47 10.02 -16.39
N CYS A 232 4.81 9.96 -17.71
CA CYS A 232 5.45 8.76 -18.25
C CYS A 232 6.94 8.87 -18.19
N LEU A 233 7.63 7.75 -18.20
CA LEU A 233 9.06 7.81 -18.07
C LEU A 233 9.78 8.43 -19.27
N ASP A 234 9.14 8.47 -20.41
CA ASP A 234 9.72 9.10 -21.58
C ASP A 234 9.51 10.60 -21.60
N GLY A 235 8.97 11.16 -20.54
CA GLY A 235 8.81 12.57 -20.42
C GLY A 235 7.51 13.14 -20.90
N THR A 236 6.63 12.30 -21.40
CA THR A 236 5.31 12.72 -21.81
C THR A 236 4.31 12.76 -20.68
N ARG A 237 3.16 13.39 -20.89
CA ARG A 237 2.08 13.36 -19.90
C ARG A 237 0.87 12.75 -20.56
N LYS A 238 0.16 11.86 -19.88
CA LYS A 238 -1.04 11.26 -20.47
C LYS A 238 -2.25 11.34 -19.57
N PRO A 239 -3.45 11.23 -20.14
CA PRO A 239 -4.66 11.09 -19.34
C PRO A 239 -4.62 9.79 -18.54
N VAL A 240 -5.34 9.85 -17.44
CA VAL A 240 -5.29 8.72 -16.50
C VAL A 240 -5.95 7.47 -17.04
N THR A 241 -6.60 7.54 -18.21
CA THR A 241 -7.05 6.35 -18.94
C THR A 241 -5.91 5.57 -19.58
N GLU A 242 -4.70 6.13 -19.58
CA GLU A 242 -3.58 5.52 -20.31
C GLU A 242 -2.54 4.84 -19.42
N ALA A 243 -2.94 4.45 -18.21
CA ALA A 243 -1.93 3.94 -17.26
C ALA A 243 -1.17 2.70 -17.83
N GLN A 244 -1.85 1.93 -18.70
CA GLN A 244 -1.12 0.75 -19.27
C GLN A 244 0.09 1.09 -20.10
N SER A 245 0.15 2.33 -20.60
CA SER A 245 1.27 2.77 -21.36
C SER A 245 2.00 3.91 -20.74
N CYS A 246 1.67 4.21 -19.45
CA CYS A 246 2.35 5.39 -18.81
C CYS A 246 2.39 5.08 -17.27
N HIS A 247 3.16 4.06 -16.95
CA HIS A 247 3.33 3.68 -15.51
C HIS A 247 4.83 3.61 -15.23
N LEU A 248 5.19 3.60 -13.91
CA LEU A 248 6.57 3.44 -13.52
C LEU A 248 7.02 2.01 -13.35
N ALA A 249 6.10 1.15 -13.00
CA ALA A 249 6.37 -0.25 -12.72
C ALA A 249 5.09 -0.96 -12.53
N VAL A 250 5.15 -2.31 -12.69
CA VAL A 250 4.08 -3.11 -12.26
C VAL A 250 4.46 -3.73 -10.85
N ALA A 251 3.64 -3.51 -9.85
CA ALA A 251 3.92 -3.93 -8.42
C ALA A 251 3.24 -5.24 -8.14
N PRO A 252 3.90 -6.07 -7.26
CA PRO A 252 3.25 -7.24 -6.77
C PRO A 252 2.15 -6.94 -5.79
N ASN A 253 0.98 -7.60 -5.89
CA ASN A 253 -0.16 -7.23 -5.03
C ASN A 253 0.22 -7.37 -3.54
N HIS A 254 -0.37 -6.49 -2.75
CA HIS A 254 -0.29 -6.65 -1.33
C HIS A 254 -0.67 -8.07 -0.91
N ALA A 255 -0.04 -8.55 0.17
CA ALA A 255 -0.30 -9.93 0.54
C ALA A 255 -0.19 -10.13 2.06
N VAL A 256 -0.78 -11.21 2.52
CA VAL A 256 -0.72 -11.58 3.95
C VAL A 256 0.63 -12.33 4.20
N VAL A 257 1.31 -11.88 5.29
CA VAL A 257 2.51 -12.64 5.69
C VAL A 257 2.36 -13.15 7.09
N SER A 258 3.06 -14.26 7.37
CA SER A 258 3.06 -14.80 8.73
C SER A 258 4.39 -15.49 9.01
N ARG A 259 4.56 -15.91 10.24
CA ARG A 259 5.65 -16.82 10.48
C ARG A 259 5.42 -18.04 9.75
N SER A 260 6.51 -18.64 9.31
CA SER A 260 6.40 -19.80 8.55
C SER A 260 5.64 -20.92 9.28
N ASP A 261 5.88 -21.07 10.57
CA ASP A 261 5.21 -22.13 11.34
C ASP A 261 3.71 -21.94 11.60
N ARG A 262 3.15 -20.73 11.29
CA ARG A 262 1.75 -20.53 11.42
C ARG A 262 1.03 -20.28 10.10
N ALA A 263 1.80 -20.34 9.00
CA ALA A 263 1.24 -19.99 7.66
C ALA A 263 0.08 -20.86 7.29
N ALA A 264 0.16 -22.23 7.51
CA ALA A 264 -0.99 -23.01 7.14
C ALA A 264 -2.25 -22.72 7.93
N HIS A 265 -2.11 -22.46 9.22
CA HIS A 265 -3.30 -22.21 9.98
C HIS A 265 -3.86 -20.85 9.64
N VAL A 266 -2.95 -19.86 9.52
CA VAL A 266 -3.42 -18.52 9.04
C VAL A 266 -4.19 -18.60 7.74
N GLU A 267 -3.67 -19.34 6.77
CA GLU A 267 -4.30 -19.51 5.50
C GLU A 267 -5.75 -20.10 5.66
N GLN A 268 -5.85 -21.18 6.41
CA GLN A 268 -7.17 -21.83 6.55
C GLN A 268 -8.20 -20.93 7.20
N VAL A 269 -7.76 -20.19 8.23
CA VAL A 269 -8.65 -19.35 8.94
C VAL A 269 -9.09 -18.21 8.01
N LEU A 270 -8.14 -17.62 7.28
CA LEU A 270 -8.49 -16.49 6.32
C LEU A 270 -9.47 -16.96 5.24
N LEU A 271 -9.27 -18.18 4.70
CA LEU A 271 -10.23 -18.63 3.65
C LEU A 271 -11.63 -18.74 4.21
N HIS A 272 -11.71 -19.18 5.46
CA HIS A 272 -13.03 -19.29 6.07
C HIS A 272 -13.56 -17.93 6.43
N GLN A 273 -12.67 -17.03 6.94
CA GLN A 273 -13.18 -15.68 7.29
C GLN A 273 -13.71 -14.89 6.08
N GLN A 274 -13.14 -15.11 4.90
CA GLN A 274 -13.54 -14.31 3.73
C GLN A 274 -14.82 -14.94 3.17
N ALA A 275 -15.02 -16.25 3.45
CA ALA A 275 -16.35 -16.84 3.02
C ALA A 275 -17.47 -16.17 3.81
N LEU A 276 -17.21 -15.77 5.06
CA LEU A 276 -18.16 -15.08 5.88
C LEU A 276 -18.22 -13.58 5.59
N PHE A 277 -17.04 -12.93 5.46
CA PHE A 277 -17.01 -11.45 5.48
C PHE A 277 -16.51 -10.79 4.21
N GLY A 278 -16.13 -11.58 3.21
CA GLY A 278 -15.55 -11.12 2.04
C GLY A 278 -16.61 -10.58 1.07
N LYS A 279 -16.14 -10.36 -0.14
CA LYS A 279 -16.92 -9.69 -1.23
C LYS A 279 -18.35 -10.23 -1.30
N ASN A 280 -18.56 -11.51 -1.54
CA ASN A 280 -20.02 -11.94 -1.57
C ASN A 280 -20.36 -12.70 -0.30
N GLY A 281 -19.70 -12.37 0.80
CA GLY A 281 -19.71 -13.18 1.98
C GLY A 281 -21.05 -13.35 2.67
N LYS A 282 -21.16 -14.45 3.39
CA LYS A 282 -22.44 -14.78 4.02
C LYS A 282 -22.94 -13.69 4.93
N ASN A 283 -22.04 -12.97 5.58
CA ASN A 283 -22.40 -11.97 6.50
C ASN A 283 -21.98 -10.57 6.09
N CYS A 284 -21.67 -10.39 4.81
CA CYS A 284 -21.40 -9.06 4.28
C CYS A 284 -22.43 -8.85 3.19
N PRO A 285 -23.18 -7.75 3.29
CA PRO A 285 -23.00 -6.59 4.19
C PRO A 285 -23.75 -6.55 5.53
N ASP A 286 -24.61 -7.55 5.84
CA ASP A 286 -25.44 -7.47 7.06
C ASP A 286 -24.66 -7.10 8.25
N LYS A 287 -23.57 -7.85 8.49
CA LYS A 287 -22.89 -7.88 9.77
C LYS A 287 -21.54 -7.16 9.63
N PHE A 288 -20.69 -7.61 8.71
CA PHE A 288 -19.33 -7.02 8.67
C PHE A 288 -18.71 -7.33 7.31
N CYS A 289 -18.03 -6.32 6.69
CA CYS A 289 -17.32 -6.60 5.43
C CYS A 289 -15.81 -6.37 5.62
N LEU A 290 -15.06 -7.44 5.44
CA LEU A 290 -13.61 -7.43 5.75
C LEU A 290 -12.92 -6.48 4.76
N PHE A 291 -13.48 -6.24 3.55
CA PHE A 291 -12.75 -5.52 2.52
C PHE A 291 -13.37 -4.20 2.27
N LYS A 292 -14.11 -3.66 3.23
CA LYS A 292 -14.55 -2.25 3.24
C LYS A 292 -14.11 -1.46 4.46
N SER A 293 -13.88 -0.14 4.25
CA SER A 293 -13.51 0.77 5.38
C SER A 293 -13.69 2.25 4.92
N GLU A 294 -14.75 2.45 4.18
CA GLU A 294 -15.00 3.84 3.66
C GLU A 294 -13.75 4.45 3.00
N THR A 295 -13.17 3.68 2.07
CA THR A 295 -12.04 4.15 1.16
C THR A 295 -10.67 4.25 1.88
N LYS A 296 -10.62 3.87 3.14
CA LYS A 296 -9.46 4.19 3.89
C LYS A 296 -8.53 3.02 3.85
N ASN A 297 -8.96 1.96 3.14
CA ASN A 297 -7.96 0.78 2.96
C ASN A 297 -7.42 0.30 4.23
N LEU A 298 -8.29 0.01 5.21
CA LEU A 298 -7.84 -0.42 6.52
C LEU A 298 -7.79 -1.96 6.54
N LEU A 299 -6.61 -2.46 6.91
CA LEU A 299 -6.28 -3.94 6.96
C LEU A 299 -6.06 -4.49 5.56
N PHE A 300 -7.03 -4.25 4.63
CA PHE A 300 -6.92 -4.62 3.25
C PHE A 300 -7.34 -3.46 2.39
N ASN A 301 -6.86 -3.48 1.15
CA ASN A 301 -7.42 -2.48 0.21
C ASN A 301 -8.92 -2.65 -0.01
N ASP A 302 -9.60 -1.51 -0.08
CA ASP A 302 -11.07 -1.57 -0.29
C ASP A 302 -11.39 -2.22 -1.60
N ASN A 303 -10.49 -2.20 -2.56
CA ASN A 303 -10.81 -2.85 -3.84
C ASN A 303 -10.52 -4.37 -3.93
N THR A 304 -10.24 -5.02 -2.79
CA THR A 304 -9.91 -6.43 -2.79
C THR A 304 -11.24 -7.19 -3.01
N GLU A 305 -11.20 -8.07 -4.00
CA GLU A 305 -12.35 -8.98 -4.25
C GLU A 305 -12.21 -10.24 -3.41
N CYS A 306 -10.96 -10.75 -3.23
CA CYS A 306 -10.75 -11.89 -2.32
C CYS A 306 -9.25 -11.94 -2.00
N LEU A 307 -8.92 -12.75 -1.02
CA LEU A 307 -7.52 -13.14 -0.82
C LEU A 307 -7.38 -14.45 -1.60
N ALA A 308 -6.32 -14.51 -2.38
CA ALA A 308 -6.15 -15.67 -3.28
C ALA A 308 -4.99 -16.55 -2.91
N LYS A 309 -5.12 -17.86 -3.21
CA LYS A 309 -3.99 -18.75 -3.07
C LYS A 309 -2.85 -18.48 -3.95
N LEU A 310 -1.62 -18.75 -3.47
CA LEU A 310 -0.46 -18.50 -4.22
C LEU A 310 -0.02 -19.77 -4.96
N GLY A 311 0.43 -19.71 -6.19
CA GLY A 311 0.89 -20.97 -6.86
C GLY A 311 2.35 -21.15 -6.55
N GLY A 312 2.78 -22.42 -6.35
CA GLY A 312 4.23 -22.67 -6.23
C GLY A 312 4.81 -22.41 -4.84
N ARG A 313 3.95 -22.29 -3.79
CA ARG A 313 4.46 -22.04 -2.43
C ARG A 313 5.63 -21.11 -2.47
N PRO A 314 5.43 -19.84 -2.92
CA PRO A 314 6.58 -19.04 -3.16
C PRO A 314 7.25 -18.51 -1.94
N THR A 315 8.54 -18.37 -2.04
CA THR A 315 9.31 -17.64 -1.03
C THR A 315 8.99 -16.13 -1.21
N TYR A 316 9.48 -15.30 -0.28
CA TYR A 316 9.10 -13.91 -0.47
C TYR A 316 9.77 -13.34 -1.73
N GLU A 317 10.98 -13.80 -2.07
CA GLU A 317 11.68 -13.36 -3.30
C GLU A 317 10.96 -13.82 -4.51
N GLU A 318 10.44 -15.02 -4.50
CA GLU A 318 9.69 -15.51 -5.62
C GLU A 318 8.38 -14.67 -5.82
N TYR A 319 7.77 -14.29 -4.71
CA TYR A 319 6.43 -13.63 -4.73
C TYR A 319 6.71 -12.19 -5.24
N LEU A 320 7.74 -11.53 -4.70
CA LEU A 320 8.05 -10.12 -5.14
C LEU A 320 8.58 -10.08 -6.56
N GLY A 321 9.32 -11.15 -6.94
CA GLY A 321 9.92 -11.25 -8.25
C GLY A 321 11.34 -10.71 -8.19
N THR A 322 12.29 -11.37 -8.91
CA THR A 322 13.73 -11.10 -8.72
C THR A 322 14.17 -9.64 -9.01
N GLU A 323 13.57 -9.13 -10.05
CA GLU A 323 13.86 -7.78 -10.47
C GLU A 323 13.48 -6.74 -9.39
N TYR A 324 12.24 -6.83 -8.91
CA TYR A 324 11.82 -5.92 -7.78
C TYR A 324 12.72 -6.05 -6.60
N VAL A 325 13.04 -7.31 -6.17
CA VAL A 325 13.92 -7.49 -5.02
C VAL A 325 15.29 -6.82 -5.21
N THR A 326 15.80 -6.98 -6.42
CA THR A 326 17.11 -6.38 -6.74
C THR A 326 17.01 -4.83 -6.74
N ALA A 327 15.90 -4.34 -7.25
CA ALA A 327 15.75 -2.86 -7.20
C ALA A 327 15.70 -2.34 -5.76
N ILE A 328 14.96 -3.05 -4.87
CA ILE A 328 14.92 -2.65 -3.48
C ILE A 328 16.31 -2.68 -2.87
N ALA A 329 16.98 -3.82 -3.05
CA ALA A 329 18.34 -3.96 -2.55
C ALA A 329 19.28 -2.82 -2.95
N ASN A 330 19.24 -2.46 -4.24
CA ASN A 330 20.02 -1.32 -4.79
C ASN A 330 19.67 -0.02 -4.12
N LEU A 331 18.35 0.24 -3.92
CA LEU A 331 17.99 1.52 -3.37
C LEU A 331 18.41 1.55 -1.88
N LYS A 332 18.31 0.41 -1.20
CA LYS A 332 18.59 0.37 0.26
C LYS A 332 20.12 0.58 0.54
N LYS A 333 20.95 0.30 -0.44
CA LYS A 333 22.37 0.68 -0.39
C LYS A 333 22.61 2.16 -0.13
N CYS A 334 21.69 3.04 -0.52
CA CYS A 334 21.79 4.45 -0.14
C CYS A 334 21.62 4.80 1.33
N SER A 335 21.10 3.87 2.11
CA SER A 335 20.78 4.26 3.49
C SER A 335 21.02 3.15 4.48
N LEU B 1 24.38 -5.20 3.01
CA LEU B 1 24.58 -6.64 3.39
C LEU B 1 23.16 -7.36 3.58
N GLU B 2 23.14 -8.67 3.89
CA GLU B 2 21.92 -9.53 3.67
C GLU B 2 20.98 -9.94 4.89
N ALA B 3 21.00 -9.22 6.03
CA ALA B 3 20.28 -9.66 7.28
C ALA B 3 18.87 -9.04 7.58
N CYS B 4 18.16 -9.60 8.56
CA CYS B 4 16.96 -8.95 9.09
C CYS B 4 17.27 -7.54 9.72
N ALA B 5 16.41 -6.54 9.42
CA ALA B 5 16.57 -5.14 9.87
C ALA B 5 16.32 -4.90 11.36
N PHE B 6 15.83 -5.91 12.10
CA PHE B 6 15.55 -5.80 13.58
C PHE B 6 16.43 -6.69 14.50
#